data_4HRN
#
_entry.id   4HRN
#
_cell.length_a   195.000
_cell.length_b   195.000
_cell.length_c   112.000
_cell.angle_alpha   90.000
_cell.angle_beta   90.000
_cell.angle_gamma   120.000
#
_symmetry.space_group_name_H-M   'H 3 2'
#
loop_
_entity.id
_entity.type
_entity.pdbx_description
1 polymer 'Designed Ankyrin Repeat Protein H10-2-G'
2 polymer 'Receptor tyrosine-protein kinase erbB-2'
#
loop_
_entity_poly.entity_id
_entity_poly.type
_entity_poly.pdbx_seq_one_letter_code
_entity_poly.pdbx_strand_id
1 'polypeptide(L)'
;MRGSHHHHHHGSDLGKKLLEAARAGQDDEVRILMANGADVNAKDEYGLTPLYLATAHGHLEIVEVLLKNGADVNAVDAIG
FTPLHLAAFIGHLEIAEVLLKHGADVNAQDKFGKTAFDISIGNGNEDLAEILQKLN
;
A,B
2 'polypeptide(L)'
;HHHHHHVDCSQFLRGQECVEECRVLQGLPREYVNARHCLPCHPECQPQDGSVTCFGPEADQCVACAHYKDPPFCVARCPS
GVKPDLSYMPIWKFPDEEGACQP
;
C,D
#
# COMPACT_ATOMS: atom_id res chain seq x y z
N ASP A 13 -26.81 -7.25 29.84
CA ASP A 13 -26.09 -8.46 30.22
C ASP A 13 -25.72 -9.27 28.98
N LEU A 14 -26.74 -9.78 28.29
CA LEU A 14 -26.54 -10.58 27.09
C LEU A 14 -25.76 -9.84 25.99
N GLY A 15 -25.94 -8.52 25.91
CA GLY A 15 -25.27 -7.74 24.89
C GLY A 15 -23.76 -7.72 25.06
N LYS A 16 -23.28 -7.58 26.29
CA LYS A 16 -21.85 -7.61 26.57
C LYS A 16 -21.26 -8.97 26.16
N LYS A 17 -21.97 -10.05 26.50
CA LYS A 17 -21.53 -11.38 26.12
C LYS A 17 -21.48 -11.54 24.59
N LEU A 18 -22.48 -11.01 23.89
CA LEU A 18 -22.46 -11.09 22.43
C LEU A 18 -21.27 -10.34 21.84
N LEU A 19 -21.01 -9.14 22.36
CA LEU A 19 -19.90 -8.34 21.85
C LEU A 19 -18.57 -9.03 22.07
N GLU A 20 -18.40 -9.57 23.26
CA GLU A 20 -17.22 -10.37 23.52
C GLU A 20 -17.09 -11.59 22.62
N ALA A 21 -18.17 -12.36 22.50
CA ALA A 21 -18.17 -13.52 21.62
C ALA A 21 -17.74 -13.13 20.20
N ALA A 22 -18.21 -11.99 19.73
CA ALA A 22 -17.85 -11.48 18.41
C ALA A 22 -16.38 -11.08 18.33
N ARG A 23 -15.82 -10.53 19.40
CA ARG A 23 -14.37 -10.30 19.43
C ARG A 23 -13.58 -11.62 19.41
N ALA A 24 -14.04 -12.60 20.18
CA ALA A 24 -13.23 -13.77 20.47
C ALA A 24 -13.44 -14.95 19.54
N GLY A 25 -14.36 -14.86 18.59
CA GLY A 25 -14.56 -15.93 17.64
C GLY A 25 -15.34 -17.08 18.23
N GLN A 26 -16.10 -16.80 19.28
CA GLN A 26 -16.87 -17.82 19.95
C GLN A 26 -18.20 -18.03 19.21
N ASP A 27 -18.21 -18.77 18.09
CA ASP A 27 -19.48 -18.96 17.38
C ASP A 27 -20.58 -19.72 18.14
N ASP A 28 -20.23 -20.75 18.90
CA ASP A 28 -21.24 -21.48 19.65
C ASP A 28 -21.97 -20.55 20.63
N GLU A 29 -21.19 -19.64 21.21
CA GLU A 29 -21.70 -18.65 22.15
C GLU A 29 -22.58 -17.61 21.47
N VAL A 30 -22.17 -17.20 20.27
CA VAL A 30 -22.95 -16.24 19.51
C VAL A 30 -24.30 -16.88 19.20
N ARG A 31 -24.26 -18.13 18.76
CA ARG A 31 -25.48 -18.86 18.44
C ARG A 31 -26.43 -18.97 19.64
N ILE A 32 -25.94 -19.43 20.78
CA ILE A 32 -26.82 -19.54 21.95
C ILE A 32 -27.34 -18.18 22.47
N LEU A 33 -26.53 -17.12 22.37
CA LEU A 33 -27.04 -15.81 22.79
C LEU A 33 -28.13 -15.31 21.84
N MET A 34 -27.94 -15.50 20.53
CA MET A 34 -28.98 -15.10 19.59
C MET A 34 -30.25 -15.87 19.90
N ALA A 35 -30.07 -17.16 20.23
CA ALA A 35 -31.19 -18.01 20.54
C ALA A 35 -31.90 -17.58 21.81
N ASN A 36 -31.21 -16.86 22.68
CA ASN A 36 -31.85 -16.32 23.88
C ASN A 36 -32.15 -14.83 23.79
N GLY A 37 -32.36 -14.34 22.56
CA GLY A 37 -32.77 -12.98 22.35
C GLY A 37 -31.72 -11.96 22.77
N ALA A 38 -30.52 -12.08 22.21
CA ALA A 38 -29.49 -11.09 22.47
C ALA A 38 -29.55 -10.05 21.37
N ASP A 39 -29.34 -8.79 21.75
CA ASP A 39 -29.39 -7.67 20.82
C ASP A 39 -28.27 -7.75 19.77
N VAL A 40 -28.62 -8.17 18.56
CA VAL A 40 -27.66 -8.36 17.47
C VAL A 40 -26.92 -7.07 17.08
N ASN A 41 -27.46 -5.92 17.48
CA ASN A 41 -26.84 -4.66 17.13
C ASN A 41 -26.50 -3.90 18.39
N ALA A 42 -26.25 -4.63 19.46
CA ALA A 42 -25.86 -4.02 20.73
C ALA A 42 -24.60 -3.21 20.51
N LYS A 43 -24.56 -2.00 21.07
CA LYS A 43 -23.38 -1.13 20.98
C LYS A 43 -22.51 -1.29 22.21
N ASP A 44 -21.21 -1.33 22.01
CA ASP A 44 -20.34 -1.57 23.16
C ASP A 44 -19.88 -0.27 23.80
N GLU A 45 -18.95 -0.44 24.73
CA GLU A 45 -18.30 0.65 25.45
C GLU A 45 -17.96 1.84 24.50
N TYR A 46 -17.78 1.57 23.21
CA TYR A 46 -17.33 2.57 22.25
C TYR A 46 -18.25 2.70 21.03
N GLY A 47 -19.47 2.24 21.15
CA GLY A 47 -20.41 2.42 20.05
C GLY A 47 -20.24 1.47 18.88
N LEU A 48 -19.47 0.40 19.07
CA LEU A 48 -19.29 -0.61 18.03
C LEU A 48 -20.23 -1.80 18.21
N THR A 49 -20.50 -2.48 17.11
CA THR A 49 -21.49 -3.55 17.08
C THR A 49 -20.80 -4.89 16.96
N PRO A 50 -21.54 -6.00 17.21
CA PRO A 50 -20.98 -7.34 17.02
C PRO A 50 -20.41 -7.58 15.61
N LEU A 51 -21.12 -7.18 14.58
CA LEU A 51 -20.68 -7.41 13.20
C LEU A 51 -19.31 -6.74 12.91
N TYR A 52 -19.15 -5.53 13.43
CA TYR A 52 -17.91 -4.79 13.22
C TYR A 52 -16.75 -5.51 13.89
N LEU A 53 -16.97 -5.93 15.13
CA LEU A 53 -15.97 -6.63 15.92
C LEU A 53 -15.60 -7.99 15.31
N ALA A 54 -16.59 -8.70 14.79
CA ALA A 54 -16.35 -9.97 14.15
C ALA A 54 -15.52 -9.77 12.89
N THR A 55 -15.77 -8.66 12.20
CA THR A 55 -14.98 -8.32 11.02
C THR A 55 -13.54 -7.98 11.42
N ALA A 56 -13.39 -7.14 12.44
CA ALA A 56 -12.10 -6.71 12.93
C ALA A 56 -11.23 -7.92 13.23
N HIS A 57 -11.87 -8.96 13.77
CA HIS A 57 -11.15 -10.14 14.24
C HIS A 57 -11.25 -11.34 13.30
N GLY A 58 -11.82 -11.13 12.12
CA GLY A 58 -11.69 -12.09 11.05
C GLY A 58 -12.56 -13.31 11.24
N HIS A 59 -13.64 -13.16 11.99
CA HIS A 59 -14.48 -14.29 12.29
C HIS A 59 -15.62 -14.42 11.28
N LEU A 60 -15.30 -14.99 10.14
CA LEU A 60 -16.22 -15.14 9.03
C LEU A 60 -17.58 -15.78 9.36
N GLU A 61 -17.53 -16.95 9.98
CA GLU A 61 -18.76 -17.68 10.26
C GLU A 61 -19.65 -16.83 11.14
N ILE A 62 -19.02 -16.11 12.06
CA ILE A 62 -19.74 -15.25 12.98
C ILE A 62 -20.41 -14.09 12.25
N VAL A 63 -19.76 -13.51 11.24
CA VAL A 63 -20.44 -12.44 10.48
C VAL A 63 -21.58 -13.03 9.69
N GLU A 64 -21.41 -14.26 9.23
CA GLU A 64 -22.51 -14.95 8.56
C GLU A 64 -23.74 -15.07 9.48
N VAL A 65 -23.55 -15.65 10.66
CA VAL A 65 -24.64 -15.77 11.62
C VAL A 65 -25.24 -14.42 12.00
N LEU A 66 -24.41 -13.46 12.40
CA LEU A 66 -24.88 -12.13 12.78
C LEU A 66 -25.73 -11.50 11.68
N LEU A 67 -25.30 -11.66 10.43
CA LEU A 67 -26.07 -11.15 9.30
C LEU A 67 -27.42 -11.88 9.15
N LYS A 68 -27.41 -13.20 9.23
CA LYS A 68 -28.66 -13.96 9.11
C LYS A 68 -29.65 -13.58 10.21
N ASN A 69 -29.15 -13.07 11.32
CA ASN A 69 -30.01 -12.61 12.41
C ASN A 69 -30.16 -11.08 12.42
N GLY A 70 -29.92 -10.47 11.27
CA GLY A 70 -30.23 -9.06 11.05
C GLY A 70 -29.31 -7.99 11.63
N ALA A 71 -28.01 -8.27 11.68
CA ALA A 71 -27.03 -7.27 12.05
C ALA A 71 -27.09 -6.12 11.05
N ASP A 72 -26.86 -4.90 11.52
CA ASP A 72 -26.88 -3.74 10.63
C ASP A 72 -25.61 -3.68 9.76
N VAL A 73 -25.73 -4.13 8.52
CA VAL A 73 -24.57 -4.30 7.67
C VAL A 73 -23.80 -3.00 7.36
N ASN A 74 -24.45 -1.85 7.52
CA ASN A 74 -23.76 -0.58 7.30
C ASN A 74 -23.60 0.27 8.55
N ALA A 75 -23.64 -0.36 9.71
CA ALA A 75 -23.35 0.35 10.95
C ALA A 75 -21.97 1.04 10.88
N VAL A 76 -21.79 2.09 11.65
CA VAL A 76 -20.64 2.97 11.46
C VAL A 76 -19.83 3.20 12.74
N ASP A 77 -18.52 3.28 12.61
CA ASP A 77 -17.68 3.49 13.79
C ASP A 77 -17.33 4.96 13.96
N ALA A 78 -16.44 5.25 14.89
CA ALA A 78 -16.05 6.62 15.22
C ALA A 78 -15.78 7.51 14.00
N ILE A 79 -15.15 6.97 12.97
CA ILE A 79 -14.81 7.77 11.80
C ILE A 79 -15.67 7.43 10.58
N GLY A 80 -16.73 6.65 10.79
CA GLY A 80 -17.63 6.30 9.69
C GLY A 80 -17.20 5.10 8.87
N PHE A 81 -16.35 4.24 9.44
CA PHE A 81 -16.01 2.98 8.81
C PHE A 81 -17.23 2.07 8.95
N THR A 82 -17.70 1.54 7.83
CA THR A 82 -18.65 0.44 7.88
C THR A 82 -17.83 -0.84 7.98
N PRO A 83 -18.46 -1.98 8.33
CA PRO A 83 -17.73 -3.24 8.30
C PRO A 83 -16.96 -3.47 6.99
N LEU A 84 -17.52 -3.03 5.86
CA LEU A 84 -16.84 -3.19 4.57
C LEU A 84 -15.56 -2.34 4.51
N HIS A 85 -15.60 -1.16 5.11
CA HIS A 85 -14.41 -0.32 5.19
C HIS A 85 -13.33 -1.10 5.90
N LEU A 86 -13.71 -1.71 7.02
CA LEU A 86 -12.75 -2.39 7.89
C LEU A 86 -12.18 -3.63 7.22
N ALA A 87 -13.04 -4.37 6.53
CA ALA A 87 -12.62 -5.53 5.78
C ALA A 87 -11.62 -5.15 4.71
N ALA A 88 -11.82 -3.98 4.11
CA ALA A 88 -10.93 -3.51 3.05
C ALA A 88 -9.61 -3.02 3.64
N PHE A 89 -9.67 -2.43 4.83
CA PHE A 89 -8.49 -1.95 5.54
C PHE A 89 -7.60 -3.13 5.89
N ILE A 90 -8.23 -4.22 6.35
CA ILE A 90 -7.47 -5.34 6.88
C ILE A 90 -7.02 -6.35 5.81
N GLY A 91 -7.85 -6.58 4.81
CA GLY A 91 -7.52 -7.56 3.79
C GLY A 91 -8.37 -8.83 3.92
N HIS A 92 -9.54 -8.71 4.54
CA HIS A 92 -10.48 -9.82 4.60
C HIS A 92 -11.33 -9.93 3.34
N LEU A 93 -10.80 -10.60 2.33
CA LEU A 93 -11.51 -10.82 1.08
C LEU A 93 -12.88 -11.47 1.25
N GLU A 94 -12.91 -12.60 1.94
CA GLU A 94 -14.12 -13.41 2.02
C GLU A 94 -15.21 -12.69 2.81
N ILE A 95 -14.87 -12.22 3.99
CA ILE A 95 -15.81 -11.45 4.81
C ILE A 95 -16.36 -10.30 4.00
N ALA A 96 -15.51 -9.63 3.25
CA ALA A 96 -15.94 -8.50 2.43
C ALA A 96 -16.95 -8.98 1.40
N GLU A 97 -16.70 -10.12 0.79
CA GLU A 97 -17.63 -10.66 -0.19
C GLU A 97 -18.99 -11.00 0.41
N VAL A 98 -18.96 -11.63 1.58
CA VAL A 98 -20.18 -11.91 2.34
C VAL A 98 -20.92 -10.61 2.62
N LEU A 99 -20.19 -9.60 3.07
CA LEU A 99 -20.78 -8.28 3.35
C LEU A 99 -21.45 -7.72 2.11
N LEU A 100 -20.80 -7.83 0.97
CA LEU A 100 -21.39 -7.40 -0.29
C LEU A 100 -22.68 -8.14 -0.60
N LYS A 101 -22.67 -9.46 -0.52
CA LYS A 101 -23.87 -10.27 -0.81
C LYS A 101 -25.04 -9.94 0.10
N HIS A 102 -24.78 -9.29 1.23
CA HIS A 102 -25.82 -8.92 2.18
C HIS A 102 -26.01 -7.43 2.34
N GLY A 103 -25.73 -6.68 1.28
CA GLY A 103 -26.11 -5.28 1.23
C GLY A 103 -25.16 -4.26 1.82
N ALA A 104 -23.85 -4.51 1.72
CA ALA A 104 -22.88 -3.51 2.14
C ALA A 104 -22.99 -2.39 1.14
N ASP A 105 -23.13 -1.17 1.64
CA ASP A 105 -23.18 0.01 0.76
C ASP A 105 -21.81 0.29 0.14
N VAL A 106 -21.60 -0.25 -1.05
CA VAL A 106 -20.31 -0.11 -1.73
C VAL A 106 -19.80 1.34 -1.95
N ASN A 107 -20.65 2.35 -1.76
CA ASN A 107 -20.23 3.76 -1.99
C ASN A 107 -20.08 4.58 -0.71
N ALA A 108 -20.46 3.99 0.42
CA ALA A 108 -20.37 4.68 1.71
C ALA A 108 -19.02 5.35 1.96
N GLN A 109 -19.05 6.52 2.59
CA GLN A 109 -17.81 7.24 2.84
C GLN A 109 -17.61 7.55 4.31
N ASP A 110 -16.36 7.46 4.76
CA ASP A 110 -16.00 7.80 6.11
C ASP A 110 -15.82 9.31 6.23
N LYS A 111 -15.65 9.81 7.45
CA LYS A 111 -15.51 11.25 7.65
C LYS A 111 -14.24 11.84 7.00
N PHE A 112 -13.75 11.19 5.94
CA PHE A 112 -12.63 11.69 5.16
C PHE A 112 -12.96 11.52 3.68
N GLY A 113 -14.16 11.03 3.39
CA GLY A 113 -14.58 10.86 2.01
C GLY A 113 -14.08 9.61 1.33
N LYS A 114 -13.43 8.75 2.10
CA LYS A 114 -12.95 7.47 1.60
C LYS A 114 -14.00 6.34 1.60
N THR A 115 -14.10 5.67 0.46
CA THR A 115 -14.88 4.45 0.32
C THR A 115 -14.04 3.21 0.61
N ALA A 116 -14.70 2.05 0.71
CA ALA A 116 -14.00 0.79 0.96
C ALA A 116 -12.92 0.56 -0.08
N PHE A 117 -13.22 0.88 -1.33
CA PHE A 117 -12.28 0.71 -2.43
C PHE A 117 -11.02 1.55 -2.19
N ASP A 118 -11.23 2.78 -1.73
CA ASP A 118 -10.13 3.72 -1.52
C ASP A 118 -9.18 3.07 -0.57
N ILE A 119 -9.77 2.57 0.50
CA ILE A 119 -9.03 2.02 1.61
C ILE A 119 -8.34 0.72 1.24
N SER A 120 -8.98 -0.09 0.40
CA SER A 120 -8.32 -1.30 -0.06
C SER A 120 -7.05 -0.94 -0.81
N ILE A 121 -7.12 0.07 -1.68
CA ILE A 121 -5.91 0.47 -2.39
C ILE A 121 -4.85 1.07 -1.48
N GLY A 122 -5.29 1.84 -0.49
CA GLY A 122 -4.37 2.37 0.50
C GLY A 122 -3.58 1.32 1.23
N ASN A 123 -4.20 0.17 1.45
CA ASN A 123 -3.55 -0.87 2.24
C ASN A 123 -3.10 -2.03 1.38
N GLY A 124 -2.93 -1.77 0.09
CA GLY A 124 -2.24 -2.69 -0.81
C GLY A 124 -2.92 -4.01 -1.01
N ASN A 125 -4.21 -4.04 -0.66
CA ASN A 125 -4.98 -5.27 -0.72
C ASN A 125 -5.64 -5.45 -2.10
N GLU A 126 -4.84 -5.97 -3.03
CA GLU A 126 -5.23 -6.06 -4.43
C GLU A 126 -6.55 -6.78 -4.74
N ASP A 127 -6.75 -7.99 -4.22
CA ASP A 127 -7.96 -8.74 -4.53
C ASP A 127 -9.25 -8.07 -4.04
N LEU A 128 -9.18 -7.50 -2.84
CA LEU A 128 -10.24 -6.68 -2.29
C LEU A 128 -10.59 -5.54 -3.25
N ALA A 129 -9.57 -4.73 -3.58
CA ALA A 129 -9.73 -3.62 -4.51
C ALA A 129 -10.36 -4.11 -5.80
N GLU A 130 -9.97 -5.32 -6.19
CA GLU A 130 -10.35 -5.88 -7.46
C GLU A 130 -11.86 -6.25 -7.46
N ILE A 131 -12.39 -6.81 -6.35
CA ILE A 131 -13.84 -7.00 -6.26
C ILE A 131 -14.63 -5.76 -5.87
N LEU A 132 -13.96 -4.63 -5.61
CA LEU A 132 -14.71 -3.39 -5.38
C LEU A 132 -14.72 -2.45 -6.60
N GLN A 133 -13.97 -2.81 -7.63
CA GLN A 133 -14.00 -2.09 -8.91
C GLN A 133 -15.30 -2.40 -9.64
N ASP B 13 30.39 7.55 -25.84
CA ASP B 13 30.39 8.93 -26.28
C ASP B 13 29.02 9.58 -26.05
N LEU B 14 28.21 9.63 -27.10
CA LEU B 14 26.91 10.26 -27.00
C LEU B 14 25.94 9.51 -26.09
N GLY B 15 26.17 8.21 -25.95
CA GLY B 15 25.36 7.37 -25.08
C GLY B 15 25.48 7.80 -23.63
N LYS B 16 26.72 7.90 -23.13
CA LYS B 16 26.92 8.22 -21.72
C LYS B 16 26.38 9.62 -21.44
N LYS B 17 26.59 10.52 -22.39
CA LYS B 17 26.10 11.88 -22.23
C LYS B 17 24.57 11.90 -22.16
N LEU B 18 23.89 11.16 -23.03
CA LEU B 18 22.43 11.11 -22.99
C LEU B 18 21.92 10.52 -21.68
N LEU B 19 22.66 9.53 -21.17
CA LEU B 19 22.29 8.89 -19.92
C LEU B 19 22.41 9.86 -18.74
N GLU B 20 23.53 10.58 -18.68
CA GLU B 20 23.72 11.54 -17.59
C GLU B 20 22.69 12.66 -17.72
N ALA B 21 22.34 13.01 -18.94
CA ALA B 21 21.37 14.08 -19.15
C ALA B 21 19.98 13.67 -18.68
N ALA B 22 19.56 12.45 -19.03
CA ALA B 22 18.27 11.93 -18.57
C ALA B 22 18.21 11.83 -17.06
N ARG B 23 19.29 11.32 -16.47
CA ARG B 23 19.42 11.20 -15.03
C ARG B 23 19.26 12.56 -14.34
N ALA B 24 20.02 13.56 -14.78
CA ALA B 24 20.09 14.86 -14.07
C ALA B 24 18.91 15.78 -14.33
N GLY B 25 18.12 15.46 -15.35
CA GLY B 25 16.95 16.26 -15.65
C GLY B 25 17.24 17.46 -16.50
N GLN B 26 18.00 17.26 -17.56
CA GLN B 26 18.44 18.34 -18.42
C GLN B 26 17.78 18.28 -19.79
N ASP B 27 16.58 18.87 -19.88
CA ASP B 27 15.76 18.81 -21.09
C ASP B 27 16.56 19.20 -22.35
N ASP B 28 17.16 20.39 -22.31
CA ASP B 28 17.89 20.90 -23.48
C ASP B 28 19.02 19.95 -23.91
N GLU B 29 19.86 19.54 -22.96
CA GLU B 29 20.94 18.58 -23.28
C GLU B 29 20.39 17.33 -23.97
N VAL B 30 19.23 16.87 -23.51
CA VAL B 30 18.63 15.67 -24.07
C VAL B 30 18.19 15.92 -25.50
N ARG B 31 17.38 16.95 -25.73
CA ARG B 31 16.97 17.30 -27.10
C ARG B 31 18.17 17.44 -28.05
N ILE B 32 19.23 18.09 -27.57
CA ILE B 32 20.43 18.25 -28.37
C ILE B 32 21.09 16.90 -28.71
N LEU B 33 21.39 16.12 -27.69
CA LEU B 33 22.02 14.82 -27.89
C LEU B 33 21.21 13.95 -28.84
N MET B 34 19.89 13.97 -28.71
CA MET B 34 19.03 13.28 -29.68
C MET B 34 19.29 13.80 -31.09
N ALA B 35 19.31 15.13 -31.23
CA ALA B 35 19.61 15.77 -32.51
C ALA B 35 20.95 15.32 -33.08
N ASN B 36 21.98 15.31 -32.24
CA ASN B 36 23.29 14.84 -32.70
C ASN B 36 23.39 13.32 -32.84
N GLY B 37 22.23 12.66 -32.87
CA GLY B 37 22.14 11.22 -33.04
C GLY B 37 22.62 10.30 -31.92
N ALA B 38 22.47 10.70 -30.65
CA ALA B 38 22.80 9.83 -29.52
C ALA B 38 21.91 8.61 -29.56
N ASP B 39 22.41 7.48 -29.04
CA ASP B 39 21.61 6.26 -28.99
C ASP B 39 20.49 6.40 -27.96
N VAL B 40 19.24 6.38 -28.41
CA VAL B 40 18.12 6.59 -27.50
C VAL B 40 17.97 5.44 -26.51
N ASN B 41 18.44 4.25 -26.88
CA ASN B 41 18.36 3.12 -25.97
C ASN B 41 19.74 2.72 -25.47
N ALA B 42 20.59 3.71 -25.24
CA ALA B 42 21.90 3.42 -24.67
C ALA B 42 21.69 2.79 -23.30
N LYS B 43 22.66 1.97 -22.89
CA LYS B 43 22.62 1.31 -21.58
C LYS B 43 23.73 1.84 -20.67
N ASP B 44 23.41 2.11 -19.40
CA ASP B 44 24.43 2.57 -18.43
C ASP B 44 25.17 1.36 -17.84
N GLU B 45 25.99 1.58 -16.82
CA GLU B 45 26.81 0.49 -16.33
C GLU B 45 25.97 -0.59 -15.67
N TYR B 46 24.70 -0.29 -15.42
CA TYR B 46 23.81 -1.25 -14.78
C TYR B 46 22.73 -1.74 -15.74
N GLY B 47 22.89 -1.45 -17.02
CA GLY B 47 21.95 -1.96 -17.99
C GLY B 47 20.71 -1.10 -18.13
N LEU B 48 20.62 -0.05 -17.32
CA LEU B 48 19.51 0.89 -17.38
C LEU B 48 19.52 1.75 -18.66
N THR B 49 18.46 2.52 -18.84
CA THR B 49 18.17 3.11 -20.13
C THR B 49 17.69 4.53 -19.87
N PRO B 50 17.93 5.43 -20.83
CA PRO B 50 17.60 6.85 -20.57
C PRO B 50 16.13 6.99 -20.17
N LEU B 51 15.24 6.29 -20.88
CA LEU B 51 13.82 6.36 -20.58
C LEU B 51 13.54 5.98 -19.13
N TYR B 52 14.22 4.92 -18.69
CA TYR B 52 14.11 4.41 -17.34
C TYR B 52 14.62 5.41 -16.30
N LEU B 53 15.85 5.89 -16.49
CA LEU B 53 16.41 6.91 -15.61
C LEU B 53 15.54 8.18 -15.53
N ALA B 54 14.98 8.59 -16.67
CA ALA B 54 14.11 9.75 -16.71
C ALA B 54 12.85 9.53 -15.89
N THR B 55 12.24 8.36 -16.02
CA THR B 55 11.08 8.06 -15.17
C THR B 55 11.45 7.98 -13.68
N ALA B 56 12.57 7.33 -13.38
CA ALA B 56 13.05 7.25 -12.00
C ALA B 56 13.13 8.62 -11.35
N HIS B 57 13.70 9.59 -12.09
CA HIS B 57 13.93 10.91 -11.53
C HIS B 57 12.81 11.93 -11.77
N GLY B 58 11.73 11.46 -12.39
CA GLY B 58 10.50 12.23 -12.42
C GLY B 58 10.53 13.34 -13.44
N HIS B 59 11.00 13.01 -14.64
CA HIS B 59 11.19 14.00 -15.67
C HIS B 59 10.22 13.79 -16.84
N LEU B 60 9.03 14.33 -16.67
CA LEU B 60 7.98 14.17 -17.68
C LEU B 60 8.42 14.62 -19.09
N GLU B 61 8.91 15.85 -19.22
CA GLU B 61 9.20 16.40 -20.55
C GLU B 61 10.24 15.53 -21.26
N ILE B 62 11.34 15.23 -20.55
CA ILE B 62 12.39 14.33 -21.05
C ILE B 62 11.86 12.93 -21.45
N VAL B 63 10.94 12.37 -20.66
CA VAL B 63 10.34 11.09 -21.00
C VAL B 63 9.61 11.22 -22.33
N GLU B 64 8.76 12.24 -22.42
CA GLU B 64 8.07 12.57 -23.68
C GLU B 64 9.04 12.68 -24.88
N VAL B 65 10.18 13.37 -24.68
CA VAL B 65 11.11 13.57 -25.79
C VAL B 65 11.79 12.28 -26.21
N LEU B 66 12.26 11.52 -25.23
CA LEU B 66 12.85 10.20 -25.48
C LEU B 66 11.87 9.29 -26.23
N LEU B 67 10.62 9.28 -25.80
CA LEU B 67 9.58 8.54 -26.50
C LEU B 67 9.35 9.00 -27.95
N LYS B 68 9.27 10.31 -28.19
CA LYS B 68 9.14 10.83 -29.56
C LYS B 68 10.29 10.33 -30.44
N ASN B 69 11.44 10.05 -29.82
CA ASN B 69 12.62 9.61 -30.55
C ASN B 69 12.86 8.11 -30.61
N GLY B 70 11.83 7.32 -30.34
CA GLY B 70 11.93 5.86 -30.44
C GLY B 70 12.62 5.14 -29.28
N ALA B 71 12.46 5.66 -28.07
CA ALA B 71 12.96 4.97 -26.89
C ALA B 71 12.13 3.72 -26.69
N ASP B 72 12.80 2.61 -26.37
CA ASP B 72 12.13 1.34 -26.13
C ASP B 72 11.34 1.34 -24.82
N VAL B 73 10.01 1.34 -24.90
CA VAL B 73 9.16 1.33 -23.70
C VAL B 73 9.18 -0.01 -22.95
N ASN B 74 9.68 -1.05 -23.60
CA ASN B 74 9.75 -2.36 -22.96
C ASN B 74 11.18 -2.76 -22.60
N ALA B 75 12.04 -1.76 -22.38
CA ALA B 75 13.36 -2.03 -21.85
C ALA B 75 13.15 -2.47 -20.42
N VAL B 76 13.88 -3.50 -19.99
CA VAL B 76 13.74 -3.97 -18.63
C VAL B 76 14.99 -3.79 -17.79
N ASP B 77 14.79 -3.53 -16.50
CA ASP B 77 15.92 -3.48 -15.57
C ASP B 77 16.32 -4.87 -15.06
N ALA B 78 17.12 -4.90 -14.01
CA ALA B 78 17.69 -6.15 -13.51
C ALA B 78 16.65 -7.19 -13.07
N ILE B 79 15.45 -6.75 -12.67
CA ILE B 79 14.40 -7.68 -12.27
C ILE B 79 13.19 -7.68 -13.23
N GLY B 80 13.34 -7.09 -14.41
CA GLY B 80 12.25 -7.08 -15.39
C GLY B 80 11.25 -5.95 -15.24
N PHE B 81 11.59 -4.94 -14.44
CA PHE B 81 10.78 -3.71 -14.39
C PHE B 81 10.92 -2.97 -15.72
N THR B 82 9.80 -2.63 -16.36
CA THR B 82 9.80 -1.73 -17.50
C THR B 82 9.64 -0.32 -16.94
N PRO B 83 9.77 0.71 -17.79
CA PRO B 83 9.56 2.07 -17.27
C PRO B 83 8.18 2.25 -16.63
N LEU B 84 7.18 1.53 -17.14
CA LEU B 84 5.83 1.59 -16.58
C LEU B 84 5.79 1.04 -15.17
N HIS B 85 6.39 -0.14 -14.97
CA HIS B 85 6.63 -0.67 -13.63
C HIS B 85 7.18 0.37 -12.66
N LEU B 86 8.27 1.03 -13.06
CA LEU B 86 8.90 2.02 -12.17
C LEU B 86 8.02 3.24 -11.91
N ALA B 87 7.25 3.64 -12.93
CA ALA B 87 6.30 4.75 -12.79
C ALA B 87 5.23 4.38 -11.76
N ALA B 88 4.80 3.13 -11.80
CA ALA B 88 3.77 2.64 -10.88
C ALA B 88 4.33 2.60 -9.48
N PHE B 89 5.55 2.09 -9.39
CA PHE B 89 6.27 2.01 -8.14
C PHE B 89 6.34 3.37 -7.47
N ILE B 90 6.94 4.34 -8.16
CA ILE B 90 7.15 5.65 -7.56
C ILE B 90 5.82 6.40 -7.40
N GLY B 91 4.87 6.11 -8.27
CA GLY B 91 3.61 6.83 -8.27
C GLY B 91 3.62 8.07 -9.15
N HIS B 92 4.39 8.01 -10.26
CA HIS B 92 4.39 9.06 -11.27
C HIS B 92 3.25 8.84 -12.27
N LEU B 93 2.07 9.38 -11.95
CA LEU B 93 0.87 9.22 -12.78
C LEU B 93 1.03 9.67 -14.23
N GLU B 94 1.45 10.92 -14.37
CA GLU B 94 1.58 11.58 -15.68
C GLU B 94 2.57 10.82 -16.59
N ILE B 95 3.70 10.42 -16.05
CA ILE B 95 4.67 9.64 -16.82
C ILE B 95 4.10 8.28 -17.24
N ALA B 96 3.34 7.66 -16.35
CA ALA B 96 2.70 6.38 -16.64
C ALA B 96 1.76 6.55 -17.82
N GLU B 97 0.95 7.62 -17.79
CA GLU B 97 0.02 7.91 -18.88
C GLU B 97 0.77 8.09 -20.20
N VAL B 98 1.87 8.83 -20.14
CA VAL B 98 2.63 9.08 -21.34
C VAL B 98 3.20 7.76 -21.90
N LEU B 99 3.61 6.86 -21.03
CA LEU B 99 4.14 5.56 -21.50
C LEU B 99 3.03 4.66 -22.05
N LEU B 100 1.84 4.72 -21.46
CA LEU B 100 0.71 3.99 -22.02
C LEU B 100 0.35 4.47 -23.43
N LYS B 101 0.33 5.80 -23.64
CA LYS B 101 0.07 6.31 -25.00
C LYS B 101 1.10 5.82 -26.01
N HIS B 102 2.29 5.50 -25.57
CA HIS B 102 3.36 5.17 -26.50
C HIS B 102 3.72 3.69 -26.63
N GLY B 103 2.79 2.82 -26.24
CA GLY B 103 2.92 1.40 -26.55
C GLY B 103 3.41 0.51 -25.42
N ALA B 104 3.27 0.98 -24.18
CA ALA B 104 3.76 0.26 -23.04
C ALA B 104 2.95 -1.01 -22.83
N ASP B 105 3.60 -2.16 -22.74
CA ASP B 105 2.91 -3.41 -22.46
C ASP B 105 2.43 -3.46 -21.03
N VAL B 106 1.12 -3.36 -20.82
CA VAL B 106 0.57 -3.27 -19.48
C VAL B 106 0.54 -4.65 -18.76
N ASN B 107 0.69 -5.73 -19.55
CA ASN B 107 0.68 -7.09 -19.04
C ASN B 107 2.07 -7.58 -18.69
N ALA B 108 3.08 -6.78 -19.01
CA ALA B 108 4.46 -7.16 -18.78
C ALA B 108 4.73 -7.51 -17.32
N GLN B 109 5.45 -8.60 -17.09
CA GLN B 109 5.76 -9.01 -15.72
C GLN B 109 7.24 -8.96 -15.37
N ASP B 110 7.56 -8.42 -14.19
CA ASP B 110 8.92 -8.55 -13.65
C ASP B 110 9.19 -10.02 -13.24
N LYS B 111 10.39 -10.29 -12.74
CA LYS B 111 10.79 -11.67 -12.44
C LYS B 111 9.93 -12.35 -11.35
N PHE B 112 9.23 -11.55 -10.56
CA PHE B 112 8.32 -12.07 -9.55
C PHE B 112 6.90 -12.15 -10.09
N GLY B 113 6.75 -12.00 -11.40
CA GLY B 113 5.46 -12.12 -12.04
C GLY B 113 4.46 -11.00 -11.80
N LYS B 114 4.94 -9.87 -11.28
CA LYS B 114 4.06 -8.71 -11.03
C LYS B 114 3.98 -7.80 -12.25
N THR B 115 2.79 -7.26 -12.51
CA THR B 115 2.60 -6.25 -13.56
C THR B 115 2.63 -4.86 -12.96
N ALA B 116 2.62 -3.84 -13.82
CA ALA B 116 2.58 -2.47 -13.33
C ALA B 116 1.40 -2.23 -12.38
N PHE B 117 0.23 -2.76 -12.73
CA PHE B 117 -0.94 -2.65 -11.85
C PHE B 117 -0.73 -3.21 -10.42
N ASP B 118 -0.18 -4.42 -10.32
CA ASP B 118 0.24 -4.95 -9.01
C ASP B 118 1.13 -3.96 -8.26
N ILE B 119 2.17 -3.47 -8.96
CA ILE B 119 3.10 -2.55 -8.36
C ILE B 119 2.40 -1.28 -7.87
N SER B 120 1.45 -0.81 -8.66
CA SER B 120 0.65 0.36 -8.34
C SER B 120 -0.10 0.15 -7.03
N ILE B 121 -0.76 -1.01 -6.90
CA ILE B 121 -1.44 -1.36 -5.64
C ILE B 121 -0.49 -1.37 -4.42
N GLY B 122 0.72 -1.90 -4.61
CA GLY B 122 1.71 -1.80 -3.54
C GLY B 122 2.13 -0.35 -3.22
N ASN B 123 2.22 0.50 -4.24
CA ASN B 123 2.51 1.93 -4.06
C ASN B 123 1.33 2.71 -3.45
N GLY B 124 0.13 2.16 -3.61
CA GLY B 124 -1.07 2.75 -3.04
C GLY B 124 -1.61 3.98 -3.78
N ASN B 125 -1.25 4.11 -5.05
CA ASN B 125 -1.72 5.22 -5.86
C ASN B 125 -3.01 4.81 -6.54
N GLU B 126 -4.10 5.34 -6.01
CA GLU B 126 -5.43 5.01 -6.48
C GLU B 126 -5.68 5.36 -7.95
N ASP B 127 -5.22 6.53 -8.41
CA ASP B 127 -5.51 6.96 -9.77
C ASP B 127 -4.76 6.16 -10.84
N LEU B 128 -3.49 5.88 -10.56
CA LEU B 128 -2.66 5.07 -11.44
C LEU B 128 -3.18 3.63 -11.48
N ALA B 129 -3.58 3.13 -10.31
CA ALA B 129 -4.17 1.82 -10.21
C ALA B 129 -5.43 1.79 -11.07
N GLU B 130 -6.26 2.81 -10.93
CA GLU B 130 -7.50 2.89 -11.68
C GLU B 130 -7.25 2.85 -13.18
N ILE B 131 -6.35 3.71 -13.64
CA ILE B 131 -5.97 3.70 -15.06
C ILE B 131 -5.50 2.33 -15.53
N LEU B 132 -4.68 1.69 -14.70
CA LEU B 132 -4.12 0.39 -15.05
C LEU B 132 -5.13 -0.75 -15.00
N GLN B 133 -6.09 -0.64 -14.07
CA GLN B 133 -7.07 -1.70 -13.80
C GLN B 133 -7.96 -1.87 -15.01
N LYS B 134 -8.42 -0.75 -15.55
CA LYS B 134 -9.29 -0.76 -16.73
C LYS B 134 -8.55 -1.26 -17.97
N LEU B 135 -7.46 -2.00 -17.74
CA LEU B 135 -6.67 -2.63 -18.78
C LEU B 135 -6.30 -4.05 -18.34
N CYS C 9 3.09 19.99 0.67
CA CYS C 9 4.22 19.43 -0.07
C CYS C 9 3.78 18.70 -1.33
N SER C 10 4.25 19.17 -2.47
CA SER C 10 3.83 18.64 -3.77
C SER C 10 4.78 17.55 -4.21
N GLN C 11 5.82 17.31 -3.43
CA GLN C 11 6.85 16.37 -3.81
C GLN C 11 6.71 15.03 -3.10
N PHE C 12 7.80 14.56 -2.49
CA PHE C 12 7.73 13.34 -1.71
C PHE C 12 8.02 13.66 -0.27
N LEU C 13 7.31 13.00 0.62
CA LEU C 13 7.55 13.19 2.04
C LEU C 13 8.54 12.17 2.60
N ARG C 14 9.60 12.66 3.23
CA ARG C 14 10.43 11.80 4.05
C ARG C 14 10.34 12.31 5.47
N GLY C 15 9.51 11.64 6.27
CA GLY C 15 9.20 12.15 7.59
C GLY C 15 8.48 13.46 7.40
N GLN C 16 9.10 14.55 7.84
CA GLN C 16 8.51 15.86 7.64
C GLN C 16 9.14 16.57 6.43
N GLU C 17 10.40 16.27 6.14
CA GLU C 17 11.11 16.93 5.06
C GLU C 17 10.44 16.68 3.70
N CYS C 18 10.30 17.73 2.92
CA CYS C 18 9.72 17.62 1.58
C CYS C 18 10.87 17.53 0.60
N VAL C 19 11.04 16.35 0.01
CA VAL C 19 12.20 16.06 -0.81
C VAL C 19 11.80 15.85 -2.27
N GLU C 20 12.74 16.06 -3.19
CA GLU C 20 12.43 16.03 -4.61
C GLU C 20 12.16 14.59 -5.03
N GLU C 21 12.89 13.68 -4.42
CA GLU C 21 12.70 12.29 -4.76
C GLU C 21 13.24 11.33 -3.71
N CYS C 22 12.62 10.15 -3.63
CA CYS C 22 13.01 9.13 -2.67
C CYS C 22 14.21 8.34 -3.18
N ARG C 23 14.82 7.56 -2.30
CA ARG C 23 16.03 6.83 -2.63
C ARG C 23 15.73 5.45 -3.22
N VAL C 24 15.23 5.38 -4.45
CA VAL C 24 14.79 4.10 -5.01
C VAL C 24 15.86 3.35 -5.80
N LEU C 25 16.68 4.08 -6.55
CA LEU C 25 17.76 3.46 -7.33
C LEU C 25 19.13 3.81 -6.76
N GLN C 26 19.18 4.76 -5.82
CA GLN C 26 20.44 5.23 -5.26
C GLN C 26 20.22 5.86 -3.90
N GLY C 27 21.28 5.96 -3.10
CA GLY C 27 21.19 6.56 -1.79
C GLY C 27 20.92 5.50 -0.74
N LEU C 28 21.14 5.85 0.53
CA LEU C 28 21.02 4.90 1.64
C LEU C 28 20.45 5.54 2.92
N PRO C 29 19.56 4.79 3.60
CA PRO C 29 19.05 3.49 3.15
C PRO C 29 18.07 3.62 1.99
N ARG C 30 18.06 2.63 1.09
CA ARG C 30 17.10 2.57 -0.02
C ARG C 30 15.68 2.59 0.49
N GLU C 31 14.78 3.05 -0.38
CA GLU C 31 13.40 3.25 0.03
C GLU C 31 12.46 2.68 -1.01
N TYR C 32 11.24 2.40 -0.57
CA TYR C 32 10.14 2.17 -1.48
C TYR C 32 9.21 3.35 -1.23
N VAL C 33 8.31 3.59 -2.16
CA VAL C 33 7.46 4.75 -2.07
C VAL C 33 6.05 4.28 -1.87
N ASN C 34 5.34 4.92 -0.95
CA ASN C 34 3.92 4.69 -0.78
C ASN C 34 3.18 5.98 -0.47
N ALA C 35 2.07 6.22 -1.19
CA ALA C 35 1.28 7.43 -0.99
C ALA C 35 2.20 8.66 -0.91
N ARG C 36 3.05 8.82 -1.92
CA ARG C 36 4.02 9.93 -1.99
C ARG C 36 4.96 10.07 -0.79
N HIS C 37 4.98 9.08 0.10
CA HIS C 37 5.92 9.00 1.22
C HIS C 37 7.11 8.13 0.92
N CYS C 38 8.31 8.65 1.19
CA CYS C 38 9.55 7.88 1.12
C CYS C 38 9.67 7.05 2.38
N LEU C 39 9.76 5.72 2.22
CA LEU C 39 9.79 4.83 3.39
C LEU C 39 10.91 3.82 3.23
N PRO C 40 11.59 3.48 4.34
CA PRO C 40 12.83 2.68 4.31
C PRO C 40 12.62 1.18 4.07
N CYS C 41 13.50 0.61 3.26
CA CYS C 41 13.54 -0.84 3.08
C CYS C 41 13.97 -1.50 4.38
N HIS C 42 13.68 -2.79 4.51
CA HIS C 42 14.15 -3.49 5.69
C HIS C 42 15.67 -3.49 5.63
N PRO C 43 16.32 -3.37 6.79
CA PRO C 43 17.79 -3.33 6.86
C PRO C 43 18.48 -4.56 6.26
N GLU C 44 17.76 -5.65 6.09
CA GLU C 44 18.34 -6.87 5.55
C GLU C 44 18.29 -6.98 4.03
N CYS C 45 17.71 -5.99 3.37
CA CYS C 45 17.71 -5.99 1.91
C CYS C 45 19.07 -5.56 1.39
N GLN C 46 19.60 -6.30 0.44
CA GLN C 46 20.77 -5.87 -0.29
C GLN C 46 20.39 -4.69 -1.20
N PRO C 47 21.09 -3.56 -1.07
CA PRO C 47 20.81 -2.45 -2.00
C PRO C 47 21.11 -2.86 -3.44
N GLN C 48 20.19 -2.62 -4.37
CA GLN C 48 20.38 -3.01 -5.75
C GLN C 48 20.89 -1.85 -6.58
N ASP C 49 21.49 -2.17 -7.72
CA ASP C 49 22.00 -1.14 -8.57
C ASP C 49 21.19 -0.98 -9.86
N GLY C 50 20.87 -2.09 -10.50
CA GLY C 50 20.08 -2.04 -11.71
C GLY C 50 18.62 -2.29 -11.41
N SER C 51 18.19 -1.98 -10.18
CA SER C 51 16.79 -2.14 -9.80
C SER C 51 16.47 -1.47 -8.46
N VAL C 52 15.19 -1.44 -8.14
CA VAL C 52 14.74 -1.06 -6.82
C VAL C 52 15.24 -2.12 -5.82
N THR C 53 15.18 -1.80 -4.54
CA THR C 53 15.72 -2.67 -3.50
C THR C 53 14.64 -3.47 -2.75
N CYS C 54 13.52 -2.84 -2.42
CA CYS C 54 12.40 -3.52 -1.77
C CYS C 54 11.05 -3.16 -2.41
N PHE C 55 9.98 -3.73 -1.89
CA PHE C 55 8.64 -3.36 -2.33
C PHE C 55 7.82 -3.02 -1.10
N GLY C 56 8.45 -3.10 0.05
CA GLY C 56 7.81 -2.76 1.30
C GLY C 56 8.85 -2.77 2.39
N PRO C 57 8.45 -2.52 3.63
CA PRO C 57 9.34 -2.30 4.77
C PRO C 57 9.84 -3.57 5.47
N GLU C 58 9.48 -4.76 4.97
CA GLU C 58 9.74 -6.00 5.70
C GLU C 58 10.72 -6.92 4.99
N ALA C 59 11.41 -7.73 5.78
CA ALA C 59 12.45 -8.65 5.28
C ALA C 59 12.01 -9.68 4.25
N ASP C 60 10.71 -9.86 4.06
CA ASP C 60 10.23 -10.71 2.97
C ASP C 60 9.81 -9.93 1.73
N GLN C 61 10.25 -8.67 1.64
CA GLN C 61 9.86 -7.81 0.53
C GLN C 61 11.08 -7.25 -0.20
N CYS C 62 12.24 -7.79 0.10
CA CYS C 62 13.49 -7.41 -0.55
C CYS C 62 13.55 -8.05 -1.93
N VAL C 63 14.52 -7.60 -2.73
CA VAL C 63 14.81 -8.16 -4.04
C VAL C 63 15.92 -9.17 -3.84
N ALA C 64 16.78 -8.89 -2.86
CA ALA C 64 17.93 -9.74 -2.59
C ALA C 64 18.41 -9.47 -1.17
N CYS C 65 18.90 -10.52 -0.52
CA CYS C 65 19.25 -10.42 0.89
C CYS C 65 20.68 -9.90 1.09
N ALA C 66 20.87 -9.12 2.13
CA ALA C 66 22.17 -8.62 2.48
C ALA C 66 23.04 -9.76 3.01
N HIS C 67 22.42 -10.75 3.63
CA HIS C 67 23.17 -11.80 4.33
C HIS C 67 22.68 -13.21 4.04
N TYR C 68 21.83 -13.75 4.92
CA TYR C 68 21.31 -15.07 4.65
C TYR C 68 19.83 -15.02 4.28
N LYS C 69 19.37 -15.97 3.47
CA LYS C 69 17.96 -16.06 3.24
C LYS C 69 17.43 -17.26 3.97
N ASP C 70 16.32 -17.03 4.67
CA ASP C 70 15.62 -18.07 5.37
C ASP C 70 14.21 -17.97 4.86
N PRO C 71 13.96 -18.46 3.63
CA PRO C 71 12.71 -18.28 2.89
C PRO C 71 11.46 -18.19 3.76
N PRO C 72 10.64 -17.16 3.53
CA PRO C 72 10.86 -16.14 2.50
C PRO C 72 11.57 -14.89 3.01
N PHE C 73 12.24 -14.95 4.16
CA PHE C 73 12.83 -13.75 4.76
C PHE C 73 14.34 -13.60 4.56
N CYS C 74 14.78 -12.35 4.51
CA CYS C 74 16.18 -12.03 4.61
C CYS C 74 16.55 -11.87 6.09
N VAL C 75 17.62 -12.52 6.52
CA VAL C 75 18.00 -12.54 7.92
C VAL C 75 19.50 -12.33 8.10
N ALA C 76 19.85 -11.63 9.20
CA ALA C 76 21.24 -11.44 9.60
C ALA C 76 21.96 -12.77 9.79
N ARG C 77 21.27 -13.73 10.42
CA ARG C 77 21.79 -15.09 10.57
C ARG C 77 20.71 -16.13 10.49
N CYS C 78 21.12 -17.35 10.21
CA CYS C 78 20.22 -18.49 10.27
C CYS C 78 20.09 -18.97 11.72
N PRO C 79 19.00 -19.67 12.05
CA PRO C 79 18.91 -20.20 13.43
C PRO C 79 19.65 -21.52 13.56
N CYS D 9 2.84 -19.03 6.03
CA CYS D 9 1.83 -18.32 6.83
C CYS D 9 0.61 -17.92 6.00
N SER D 10 -0.58 -18.27 6.46
CA SER D 10 -1.78 -17.92 5.72
C SER D 10 -2.60 -16.86 6.46
N GLN D 11 -2.15 -16.47 7.64
CA GLN D 11 -2.88 -15.45 8.40
C GLN D 11 -2.27 -14.05 8.17
N PHE D 12 -1.64 -13.47 9.20
CA PHE D 12 -0.99 -12.18 9.05
C PHE D 12 0.44 -12.24 9.53
N LEU D 13 1.31 -11.42 8.96
CA LEU D 13 2.69 -11.34 9.42
C LEU D 13 2.91 -10.12 10.33
N ARG D 14 3.49 -10.35 11.50
CA ARG D 14 4.04 -9.26 12.28
C ARG D 14 5.53 -9.54 12.32
N GLY D 15 6.28 -8.83 11.49
CA GLY D 15 7.65 -9.18 11.21
C GLY D 15 7.69 -10.56 10.58
N GLN D 16 8.39 -11.48 11.23
CA GLN D 16 8.38 -12.89 10.82
C GLN D 16 7.35 -13.73 11.60
N GLU D 17 6.74 -13.17 12.65
CA GLU D 17 5.78 -13.93 13.43
C GLU D 17 4.46 -14.00 12.68
N CYS D 18 3.89 -15.19 12.61
CA CYS D 18 2.60 -15.41 11.98
C CYS D 18 1.54 -15.29 13.05
N VAL D 19 0.57 -14.41 12.84
CA VAL D 19 -0.38 -14.05 13.87
C VAL D 19 -1.78 -14.07 13.30
N GLU D 20 -2.76 -14.25 14.18
CA GLU D 20 -4.13 -14.49 13.75
C GLU D 20 -4.70 -13.17 13.27
N GLU D 21 -4.37 -12.11 13.99
CA GLU D 21 -4.89 -10.79 13.69
C GLU D 21 -3.86 -9.70 13.99
N CYS D 22 -4.11 -8.50 13.45
CA CYS D 22 -3.28 -7.33 13.74
C CYS D 22 -3.95 -6.50 14.82
N ARG D 23 -3.29 -5.44 15.25
CA ARG D 23 -3.83 -4.62 16.33
C ARG D 23 -4.56 -3.40 15.82
N VAL D 24 -5.64 -3.60 15.08
CA VAL D 24 -6.26 -2.46 14.42
C VAL D 24 -7.22 -1.70 15.32
N LEU D 25 -7.97 -2.40 16.16
CA LEU D 25 -8.89 -1.73 17.07
C LEU D 25 -8.48 -1.76 18.55
N GLN D 26 -7.42 -2.52 18.87
CA GLN D 26 -6.96 -2.63 20.25
C GLN D 26 -5.53 -3.12 20.29
N GLY D 27 -4.90 -2.98 21.45
CA GLY D 27 -3.52 -3.42 21.58
C GLY D 27 -2.55 -2.32 21.22
N LEU D 28 -1.35 -2.41 21.78
CA LEU D 28 -0.31 -1.42 21.59
C LEU D 28 0.99 -2.10 21.19
N PRO D 29 1.73 -1.50 20.27
CA PRO D 29 1.34 -0.34 19.48
C PRO D 29 0.24 -0.68 18.49
N ARG D 30 -0.62 0.30 18.18
CA ARG D 30 -1.70 0.10 17.23
C ARG D 30 -1.13 -0.13 15.85
N GLU D 31 -1.91 -0.73 14.96
CA GLU D 31 -1.37 -1.09 13.66
C GLU D 31 -2.28 -0.75 12.50
N TYR D 32 -1.65 -0.52 11.36
CA TYR D 32 -2.36 -0.57 10.09
C TYR D 32 -1.90 -1.88 9.48
N VAL D 33 -2.56 -2.28 8.40
CA VAL D 33 -2.24 -3.54 7.76
C VAL D 33 -2.01 -3.21 6.30
N ASN D 34 -0.99 -3.81 5.70
CA ASN D 34 -0.74 -3.67 4.27
C ASN D 34 -0.32 -4.99 3.65
N ALA D 35 -1.01 -5.42 2.60
CA ALA D 35 -0.83 -6.76 2.02
C ALA D 35 -0.57 -7.86 3.07
N ARG D 36 -1.44 -7.93 4.07
CA ARG D 36 -1.38 -8.94 5.13
C ARG D 36 -0.22 -8.81 6.11
N HIS D 37 0.43 -7.66 6.14
CA HIS D 37 1.43 -7.37 7.17
C HIS D 37 0.89 -6.46 8.28
N CYS D 38 1.21 -6.76 9.52
CA CYS D 38 0.87 -5.88 10.62
C CYS D 38 2.01 -4.90 10.78
N LEU D 39 1.74 -3.62 10.57
CA LEU D 39 2.77 -2.60 10.65
C LEU D 39 2.34 -1.53 11.64
N PRO D 40 3.30 -0.88 12.32
CA PRO D 40 2.95 0.03 13.42
C PRO D 40 2.50 1.40 12.97
N CYS D 41 1.57 1.98 13.70
CA CYS D 41 1.21 3.38 13.46
C CYS D 41 2.36 4.22 13.98
N HIS D 42 2.53 5.41 13.43
CA HIS D 42 3.53 6.33 13.95
C HIS D 42 3.30 6.56 15.44
N PRO D 43 4.39 6.60 16.23
CA PRO D 43 4.27 6.73 17.69
C PRO D 43 3.57 8.02 18.17
N GLU D 44 3.40 9.00 17.29
CA GLU D 44 2.68 10.20 17.67
C GLU D 44 1.18 10.11 17.45
N CYS D 45 0.73 9.04 16.78
CA CYS D 45 -0.70 8.78 16.63
C CYS D 45 -1.36 8.51 17.99
N GLN D 46 -2.50 9.12 18.22
CA GLN D 46 -3.27 8.79 19.42
C GLN D 46 -4.04 7.51 19.16
N PRO D 47 -3.83 6.50 20.02
CA PRO D 47 -4.62 5.26 19.98
C PRO D 47 -6.12 5.54 20.08
N GLN D 48 -6.85 5.14 19.05
CA GLN D 48 -8.29 5.33 19.00
C GLN D 48 -9.03 4.12 19.58
N ASP D 49 -10.25 4.36 20.08
CA ASP D 49 -11.06 3.31 20.69
C ASP D 49 -12.32 2.96 19.89
N GLY D 50 -12.78 3.87 19.04
CA GLY D 50 -13.94 3.58 18.21
C GLY D 50 -13.62 3.43 16.73
N SER D 51 -12.34 3.29 16.40
CA SER D 51 -11.91 3.15 15.02
C SER D 51 -10.45 2.77 14.97
N VAL D 52 -9.92 2.60 13.76
CA VAL D 52 -8.51 2.39 13.57
C VAL D 52 -7.79 3.61 14.10
N THR D 53 -6.47 3.49 14.24
CA THR D 53 -5.64 4.49 14.85
C THR D 53 -4.85 5.28 13.79
N CYS D 54 -4.58 4.64 12.66
CA CYS D 54 -3.85 5.27 11.58
C CYS D 54 -4.10 4.61 10.23
N PHE D 55 -3.50 5.18 9.20
CA PHE D 55 -3.72 4.70 7.84
C PHE D 55 -2.41 4.28 7.20
N GLY D 56 -1.32 4.62 7.86
CA GLY D 56 0.00 4.29 7.38
C GLY D 56 1.05 4.56 8.43
N PRO D 57 2.32 4.35 8.07
CA PRO D 57 3.42 4.40 9.03
C PRO D 57 3.76 5.81 9.53
N GLU D 58 3.22 6.85 8.90
CA GLU D 58 3.74 8.18 9.21
C GLU D 58 2.86 9.10 10.05
N ALA D 59 3.44 10.21 10.51
CA ALA D 59 2.80 11.10 11.47
C ALA D 59 1.69 11.98 10.86
N ASP D 60 1.63 12.06 9.53
CA ASP D 60 0.47 12.67 8.87
C ASP D 60 -0.55 11.62 8.46
N GLN D 61 -0.60 10.52 9.19
CA GLN D 61 -1.50 9.43 8.82
C GLN D 61 -2.24 8.91 10.03
N CYS D 62 -2.12 9.64 11.14
CA CYS D 62 -2.85 9.31 12.36
C CYS D 62 -4.26 9.78 12.24
N VAL D 63 -5.15 9.19 13.03
CA VAL D 63 -6.52 9.71 13.11
C VAL D 63 -6.51 10.93 14.01
N ALA D 64 -5.78 10.85 15.11
CA ALA D 64 -5.67 11.96 16.03
C ALA D 64 -4.31 11.88 16.69
N CYS D 65 -3.90 12.98 17.32
CA CYS D 65 -2.52 13.12 17.79
C CYS D 65 -2.36 12.81 19.26
N ALA D 66 -1.25 12.16 19.57
CA ALA D 66 -0.92 11.85 20.95
C ALA D 66 -0.50 13.10 21.69
N HIS D 67 0.01 14.09 20.96
CA HIS D 67 0.52 15.30 21.59
C HIS D 67 0.13 16.55 20.81
N TYR D 68 1.10 17.16 20.13
CA TYR D 68 0.80 18.43 19.46
C TYR D 68 0.54 18.24 17.96
N LYS D 69 -0.38 19.03 17.41
CA LYS D 69 -0.59 19.03 15.97
C LYS D 69 0.25 20.14 15.36
N ASP D 70 0.50 20.01 14.06
CA ASP D 70 1.37 20.92 13.31
C ASP D 70 1.13 20.50 11.89
N PRO D 71 -0.06 20.81 11.37
CA PRO D 71 -0.61 20.23 10.14
C PRO D 71 0.42 20.10 9.03
N PRO D 72 0.46 18.92 8.39
CA PRO D 72 -0.44 17.83 8.76
C PRO D 72 0.14 16.76 9.72
N PHE D 73 1.13 17.10 10.55
CA PHE D 73 1.83 16.09 11.34
C PHE D 73 1.57 16.12 12.86
N CYS D 74 1.48 14.94 13.47
CA CYS D 74 1.45 14.86 14.92
C CYS D 74 2.89 14.82 15.45
N VAL D 75 3.21 15.74 16.36
CA VAL D 75 4.57 15.90 16.83
C VAL D 75 4.65 15.91 18.37
N ALA D 76 5.86 15.68 18.88
CA ALA D 76 6.09 15.65 20.32
C ALA D 76 6.28 17.05 20.91
N ARG D 77 6.97 17.93 20.17
CA ARG D 77 7.24 19.29 20.63
C ARG D 77 7.00 20.28 19.48
N CYS D 78 6.20 21.32 19.73
CA CYS D 78 5.84 22.30 18.70
C CYS D 78 6.94 23.35 18.49
#